data_1HP5
#
_entry.id   1HP5
#
_cell.length_a   133.621
_cell.length_b   133.621
_cell.length_c   174.194
_cell.angle_alpha   90.00
_cell.angle_beta   90.00
_cell.angle_gamma   120.00
#
_symmetry.space_group_name_H-M   'P 61 2 2'
#
loop_
_entity.id
_entity.type
_entity.pdbx_description
1 polymer BETA-N-ACETYLHEXOSAMINIDASE
2 non-polymer 'CHLORIDE ION'
3 non-polymer 'SULFATE ION'
4 non-polymer 3AR,5R,6S,7R,7AR-5-HYDROXYMETHYL-2-METHYL-5,6,7,7A-TETRAHYDRO-3AH-PYRANO[3,2-D]THIAZOLE-6,7-DIOL
5 non-polymer GLYCEROL
6 water water
#
_entity_poly.entity_id   1
_entity_poly.type   'polypeptide(L)'
_entity_poly.pdbx_seq_one_letter_code
;MHHHHHHHTGAAPDRKAPVRPTPLDRVIPAPASVDPGGAPYRITRGTHIRVDDSREARRVGDYLADLLRPATGYRLPVTA
HGHGGIRLRLAGGPYGDEGYRLDSGPAGVTITARKAAGLFHGVQTLRQLLPPAVEKDSAQPGPWLVAGGTIEDTPRYAWR
SAMLDVSRHFFGVDEVKRYIDRVARYKYNKLHLHLSDDQGWRIAIDSWPRLATYGGSTEVGGGPGGYYTKAEYKEIVRYA
ASRHLEVVPEIDMPGHTNAALASYAELNCDGVAPPLYTGTKVGFSSLCVDKDVTYDFVDDVIGELAALTPGRYLHIGGDE
AHSTPKADFVAFMKRVQPIVAKYGKTVVGWHQLAGAEPVEGALVQYWGLDRTGDAEKAEVAEAARNGTGLILSPADRTYL
DMKYTKDTPLGLSWAGYVEVQRSYDWDPAGYLPGAPADAVRGVEAPLWTETLSDPDQLDYMAFPRLPGVAELGWSPASTH
DWDTYKVRLAAQAPYWEAAGIDFYRSPQVPWT
;
_entity_poly.pdbx_strand_id   A
#
loop_
_chem_comp.id
_chem_comp.type
_chem_comp.name
_chem_comp.formula
CL non-polymer 'CHLORIDE ION' 'Cl -1'
GOL non-polymer GLYCEROL 'C3 H8 O3'
NGT non-polymer 3AR,5R,6S,7R,7AR-5-HYDROXYMETHYL-2-METHYL-5,6,7,7A-TETRAHYDRO-3AH-PYRANO[3,2-D]THIAZOLE-6,7-DIOL 'C8 H13 N O4 S'
SO4 non-polymer 'SULFATE ION' 'O4 S -2'
#
# COMPACT_ATOMS: atom_id res chain seq x y z
N ASP A 14 7.33 20.36 24.97
CA ASP A 14 6.82 21.05 23.75
C ASP A 14 7.01 20.18 22.52
N ARG A 15 6.81 18.88 22.69
CA ARG A 15 6.95 17.92 21.61
C ARG A 15 5.94 18.19 20.49
N LYS A 16 4.71 18.53 20.88
CA LYS A 16 3.65 18.81 19.93
C LYS A 16 3.82 20.18 19.27
N ALA A 17 4.49 21.08 19.98
CA ALA A 17 4.73 22.43 19.46
C ALA A 17 6.20 22.81 19.63
N PRO A 18 7.07 22.25 18.77
CA PRO A 18 8.50 22.53 18.81
C PRO A 18 8.79 24.03 18.74
N VAL A 19 9.78 24.48 19.50
CA VAL A 19 10.14 25.90 19.50
C VAL A 19 10.55 26.35 18.11
N ARG A 20 11.16 25.46 17.34
CA ARG A 20 11.60 25.78 15.99
C ARG A 20 11.17 24.73 14.95
N PRO A 21 11.12 25.12 13.66
CA PRO A 21 10.73 24.25 12.54
C PRO A 21 11.54 22.97 12.38
N THR A 22 10.90 21.96 11.81
CA THR A 22 11.54 20.67 11.59
C THR A 22 12.48 20.78 10.38
N PRO A 23 13.66 20.15 10.45
CA PRO A 23 14.62 20.19 9.35
C PRO A 23 13.99 19.82 8.01
N LEU A 24 14.39 20.54 6.97
CA LEU A 24 13.86 20.31 5.64
C LEU A 24 14.12 18.89 5.12
N ASP A 25 15.18 18.25 5.60
CA ASP A 25 15.52 16.91 5.16
C ASP A 25 14.89 15.85 6.03
N ARG A 26 14.32 16.27 7.16
CA ARG A 26 13.70 15.34 8.08
C ARG A 26 12.30 14.90 7.66
N VAL A 27 12.23 14.12 6.59
CA VAL A 27 10.95 13.62 6.11
C VAL A 27 11.13 12.17 5.65
N ILE A 28 10.02 11.42 5.65
CA ILE A 28 10.02 10.03 5.22
C ILE A 28 8.92 9.88 4.18
N PRO A 29 9.26 9.37 2.98
CA PRO A 29 10.58 8.91 2.54
C PRO A 29 11.62 10.03 2.49
N ALA A 30 12.90 9.65 2.56
CA ALA A 30 13.97 10.63 2.47
C ALA A 30 13.87 11.20 1.05
N PRO A 31 13.81 12.53 0.92
CA PRO A 31 13.71 13.10 -0.42
C PRO A 31 14.98 12.82 -1.25
N ALA A 32 14.82 12.74 -2.56
CA ALA A 32 15.96 12.48 -3.43
C ALA A 32 17.02 13.58 -3.31
N SER A 33 16.59 14.82 -3.09
CA SER A 33 17.49 15.95 -2.98
C SER A 33 16.93 17.02 -2.05
N VAL A 34 17.72 17.41 -1.05
CA VAL A 34 17.32 18.42 -0.09
C VAL A 34 18.37 19.52 -0.02
N ASP A 35 17.94 20.76 -0.25
CA ASP A 35 18.85 21.90 -0.22
C ASP A 35 18.28 23.01 0.65
N PRO A 36 18.51 22.93 1.97
CA PRO A 36 18.03 23.92 2.92
C PRO A 36 18.72 25.28 2.78
N GLY A 37 18.05 26.32 3.25
CA GLY A 37 18.62 27.65 3.17
C GLY A 37 17.59 28.74 3.41
N GLY A 38 18.07 29.93 3.74
CA GLY A 38 17.18 31.05 3.98
C GLY A 38 16.21 30.83 5.11
N ALA A 39 15.28 31.77 5.26
CA ALA A 39 14.28 31.69 6.31
C ALA A 39 13.12 30.81 5.86
N PRO A 40 12.33 30.31 6.82
CA PRO A 40 11.19 29.46 6.50
C PRO A 40 9.97 30.27 6.08
N TYR A 41 8.94 29.57 5.63
CA TYR A 41 7.71 30.24 5.27
C TYR A 41 6.83 30.06 6.50
N ARG A 42 5.92 30.98 6.73
CA ARG A 42 5.04 30.89 7.88
C ARG A 42 3.61 31.05 7.39
N ILE A 43 2.79 30.03 7.61
CA ILE A 43 1.40 30.12 7.19
C ILE A 43 0.67 30.98 8.21
N THR A 44 -0.02 32.00 7.73
CA THR A 44 -0.77 32.88 8.62
C THR A 44 -2.25 32.86 8.23
N ARG A 45 -3.10 33.41 9.10
CA ARG A 45 -4.54 33.41 8.86
C ARG A 45 -5.00 33.78 7.46
N GLY A 46 -4.25 34.65 6.78
CA GLY A 46 -4.65 35.07 5.45
C GLY A 46 -4.10 34.28 4.27
N THR A 47 -3.32 33.25 4.54
CA THR A 47 -2.73 32.45 3.47
C THR A 47 -3.73 31.78 2.53
N HIS A 48 -3.53 31.98 1.24
CA HIS A 48 -4.38 31.41 0.20
C HIS A 48 -3.64 30.24 -0.45
N ILE A 49 -4.40 29.27 -0.95
CA ILE A 49 -3.80 28.13 -1.65
C ILE A 49 -4.12 28.35 -3.12
N ARG A 50 -3.09 28.70 -3.88
CA ARG A 50 -3.24 28.96 -5.31
C ARG A 50 -2.95 27.72 -6.14
N VAL A 51 -3.91 27.35 -6.98
CA VAL A 51 -3.76 26.18 -7.82
C VAL A 51 -4.02 26.59 -9.27
N ASP A 52 -3.73 25.70 -10.21
CA ASP A 52 -3.97 26.00 -11.61
C ASP A 52 -5.48 25.93 -11.81
N ASP A 53 -5.95 26.47 -12.93
CA ASP A 53 -7.38 26.45 -13.20
C ASP A 53 -7.82 25.14 -13.85
N SER A 54 -7.72 24.06 -13.08
CA SER A 54 -8.12 22.74 -13.55
C SER A 54 -8.70 21.94 -12.39
N ARG A 55 -9.64 21.06 -12.69
CA ARG A 55 -10.28 20.24 -11.67
C ARG A 55 -9.26 19.45 -10.85
N GLU A 56 -8.30 18.86 -11.53
CA GLU A 56 -7.29 18.06 -10.84
C GLU A 56 -6.44 18.92 -9.91
N ALA A 57 -6.07 20.11 -10.38
CA ALA A 57 -5.26 21.01 -9.57
C ALA A 57 -6.03 21.43 -8.31
N ARG A 58 -7.29 21.81 -8.48
CA ARG A 58 -8.11 22.22 -7.35
C ARG A 58 -8.32 21.07 -6.38
N ARG A 59 -8.41 19.85 -6.92
CA ARG A 59 -8.60 18.68 -6.09
C ARG A 59 -7.49 18.57 -5.06
N VAL A 60 -6.25 18.70 -5.52
CA VAL A 60 -5.10 18.62 -4.62
C VAL A 60 -5.15 19.79 -3.64
N GLY A 61 -5.54 20.97 -4.14
CA GLY A 61 -5.63 22.14 -3.28
C GLY A 61 -6.63 21.94 -2.17
N ASP A 62 -7.81 21.41 -2.50
CA ASP A 62 -8.84 21.16 -1.50
C ASP A 62 -8.36 20.12 -0.50
N TYR A 63 -7.68 19.08 -1.00
CA TYR A 63 -7.14 18.02 -0.15
C TYR A 63 -6.21 18.65 0.89
N LEU A 64 -5.29 19.49 0.42
CA LEU A 64 -4.35 20.17 1.31
C LEU A 64 -5.12 21.05 2.30
N ALA A 65 -6.04 21.85 1.77
CA ALA A 65 -6.84 22.73 2.62
C ALA A 65 -7.49 21.93 3.75
N ASP A 66 -8.06 20.78 3.41
CA ASP A 66 -8.72 19.94 4.42
C ASP A 66 -7.77 19.43 5.49
N LEU A 67 -6.52 19.20 5.14
CA LEU A 67 -5.55 18.71 6.12
C LEU A 67 -5.12 19.81 7.09
N LEU A 68 -5.09 21.05 6.62
CA LEU A 68 -4.65 22.17 7.45
C LEU A 68 -5.71 22.97 8.22
N ARG A 69 -6.91 23.08 7.68
CA ARG A 69 -7.96 23.86 8.34
C ARG A 69 -8.23 23.53 9.81
N PRO A 70 -8.37 22.24 10.15
CA PRO A 70 -8.63 21.89 11.55
C PRO A 70 -7.63 22.45 12.56
N ALA A 71 -6.35 22.13 12.39
CA ALA A 71 -5.32 22.56 13.31
C ALA A 71 -4.95 24.04 13.22
N THR A 72 -5.05 24.63 12.04
CA THR A 72 -4.69 26.05 11.90
C THR A 72 -5.87 26.94 12.26
N GLY A 73 -7.07 26.49 11.92
CA GLY A 73 -8.25 27.28 12.18
C GLY A 73 -8.32 28.39 11.15
N TYR A 74 -7.56 28.23 10.06
CA TYR A 74 -7.54 29.23 9.00
C TYR A 74 -8.53 28.87 7.90
N ARG A 75 -8.98 29.88 7.17
CA ARG A 75 -9.91 29.68 6.07
C ARG A 75 -9.23 28.88 4.96
N LEU A 76 -8.02 29.28 4.61
CA LEU A 76 -7.25 28.61 3.57
C LEU A 76 -8.05 28.37 2.29
N PRO A 77 -8.52 29.45 1.66
CA PRO A 77 -9.30 29.30 0.43
C PRO A 77 -8.42 28.78 -0.70
N VAL A 78 -9.03 28.02 -1.60
CA VAL A 78 -8.32 27.46 -2.75
C VAL A 78 -8.85 28.14 -4.00
N THR A 79 -7.99 28.89 -4.69
CA THR A 79 -8.42 29.59 -5.90
C THR A 79 -7.41 29.47 -7.03
N ALA A 80 -7.86 29.79 -8.23
CA ALA A 80 -7.03 29.74 -9.42
C ALA A 80 -6.57 31.13 -9.86
N HIS A 81 -6.49 32.07 -8.91
CA HIS A 81 -6.03 33.42 -9.23
C HIS A 81 -5.33 34.06 -8.05
N GLY A 82 -4.47 35.03 -8.33
CA GLY A 82 -3.74 35.70 -7.27
C GLY A 82 -2.43 34.98 -7.01
N HIS A 83 -1.65 35.49 -6.06
CA HIS A 83 -0.37 34.87 -5.72
C HIS A 83 -0.39 34.26 -4.32
N GLY A 84 -1.20 33.23 -4.13
CA GLY A 84 -1.31 32.58 -2.85
C GLY A 84 0.01 32.25 -2.16
N GLY A 85 0.01 32.26 -0.82
CA GLY A 85 1.20 31.95 -0.06
C GLY A 85 1.64 30.51 -0.25
N ILE A 86 0.70 29.66 -0.66
CA ILE A 86 0.99 28.27 -0.93
C ILE A 86 0.54 28.05 -2.36
N ARG A 87 1.49 27.78 -3.24
CA ARG A 87 1.21 27.60 -4.65
C ARG A 87 1.45 26.18 -5.12
N LEU A 88 0.46 25.59 -5.78
CA LEU A 88 0.58 24.25 -6.33
C LEU A 88 0.46 24.46 -7.84
N ARG A 89 1.53 24.20 -8.58
CA ARG A 89 1.50 24.41 -10.01
C ARG A 89 1.98 23.25 -10.86
N LEU A 90 1.22 22.98 -11.92
CA LEU A 90 1.58 21.92 -12.86
C LEU A 90 2.39 22.61 -13.94
N ALA A 91 3.56 22.06 -14.24
CA ALA A 91 4.42 22.62 -15.27
C ALA A 91 5.44 21.57 -15.68
N GLY A 92 6.06 21.79 -16.84
CA GLY A 92 7.07 20.86 -17.31
C GLY A 92 8.22 20.84 -16.34
N GLY A 93 9.02 19.76 -16.38
CA GLY A 93 10.14 19.66 -15.48
C GLY A 93 10.61 18.22 -15.39
N PRO A 94 11.77 17.97 -14.76
CA PRO A 94 12.33 16.62 -14.61
C PRO A 94 11.78 15.95 -13.36
N TYR A 95 10.47 15.78 -13.30
CA TYR A 95 9.87 15.18 -12.12
C TYR A 95 9.03 13.94 -12.40
N GLY A 96 8.95 13.55 -13.67
CA GLY A 96 8.18 12.38 -14.02
C GLY A 96 6.74 12.49 -13.60
N ASP A 97 6.04 11.36 -13.58
CA ASP A 97 4.63 11.35 -13.22
C ASP A 97 4.35 11.47 -11.73
N GLU A 98 5.39 11.33 -10.90
CA GLU A 98 5.19 11.37 -9.46
C GLU A 98 6.06 12.30 -8.64
N GLY A 99 7.10 12.83 -9.27
CA GLY A 99 8.01 13.73 -8.57
C GLY A 99 7.48 15.15 -8.48
N TYR A 100 8.23 15.99 -7.78
CA TYR A 100 7.84 17.39 -7.59
C TYR A 100 9.01 18.15 -7.01
N ARG A 101 8.87 19.47 -6.96
CA ARG A 101 9.87 20.32 -6.36
C ARG A 101 9.11 21.14 -5.33
N LEU A 102 9.70 21.33 -4.15
CA LEU A 102 9.05 22.12 -3.12
C LEU A 102 10.01 23.23 -2.70
N ASP A 103 9.60 24.48 -2.94
CA ASP A 103 10.41 25.64 -2.58
C ASP A 103 9.76 26.34 -1.40
N SER A 104 10.56 26.61 -0.37
CA SER A 104 10.05 27.26 0.82
C SER A 104 10.88 28.46 1.25
N GLY A 105 10.18 29.56 1.53
CA GLY A 105 10.84 30.78 1.96
C GLY A 105 9.80 31.82 2.37
N PRO A 106 10.23 32.97 2.90
CA PRO A 106 9.29 34.01 3.33
C PRO A 106 8.32 34.41 2.22
N ALA A 107 8.73 34.19 0.97
CA ALA A 107 7.89 34.54 -0.17
C ALA A 107 6.76 33.55 -0.37
N GLY A 108 6.79 32.45 0.40
CA GLY A 108 5.75 31.45 0.30
C GLY A 108 6.27 30.06 -0.01
N VAL A 109 5.36 29.10 -0.16
CA VAL A 109 5.74 27.73 -0.48
C VAL A 109 5.16 27.38 -1.83
N THR A 110 6.00 26.86 -2.71
CA THR A 110 5.54 26.46 -4.02
C THR A 110 5.88 25.01 -4.30
N ILE A 111 4.88 24.25 -4.73
CA ILE A 111 5.08 22.85 -5.05
C ILE A 111 4.83 22.75 -6.54
N THR A 112 5.86 22.32 -7.27
CA THR A 112 5.76 22.20 -8.71
C THR A 112 5.91 20.74 -9.11
N ALA A 113 5.12 20.32 -10.08
CA ALA A 113 5.16 18.94 -10.55
C ALA A 113 4.54 18.91 -11.94
N ARG A 114 4.76 17.81 -12.65
CA ARG A 114 4.20 17.63 -13.98
C ARG A 114 2.77 17.16 -13.92
N LYS A 115 2.41 16.44 -12.86
CA LYS A 115 1.07 15.91 -12.72
C LYS A 115 0.53 16.00 -11.30
N ALA A 116 -0.78 15.90 -11.16
CA ALA A 116 -1.42 15.98 -9.85
C ALA A 116 -0.77 15.07 -8.81
N ALA A 117 -0.47 13.84 -9.20
CA ALA A 117 0.15 12.88 -8.28
C ALA A 117 1.41 13.48 -7.67
N GLY A 118 2.14 14.25 -8.48
CA GLY A 118 3.35 14.89 -8.01
C GLY A 118 3.03 15.94 -6.96
N LEU A 119 2.02 16.76 -7.24
CA LEU A 119 1.62 17.80 -6.29
C LEU A 119 1.19 17.11 -5.00
N PHE A 120 0.43 16.03 -5.15
CA PHE A 120 -0.07 15.27 -4.01
C PHE A 120 1.09 14.79 -3.16
N HIS A 121 2.12 14.25 -3.79
CA HIS A 121 3.27 13.77 -3.06
C HIS A 121 3.96 14.94 -2.36
N GLY A 122 4.01 16.09 -3.05
CA GLY A 122 4.63 17.26 -2.45
C GLY A 122 3.89 17.63 -1.18
N VAL A 123 2.57 17.50 -1.21
CA VAL A 123 1.76 17.80 -0.05
C VAL A 123 2.13 16.87 1.11
N GLN A 124 2.36 15.60 0.82
CA GLN A 124 2.71 14.65 1.87
C GLN A 124 4.01 15.07 2.54
N THR A 125 4.89 15.71 1.78
CA THR A 125 6.15 16.18 2.36
C THR A 125 5.85 17.41 3.21
N LEU A 126 5.02 18.31 2.69
CA LEU A 126 4.67 19.53 3.40
C LEU A 126 4.06 19.27 4.79
N ARG A 127 3.18 18.27 4.89
CA ARG A 127 2.57 17.99 6.19
C ARG A 127 3.58 17.50 7.22
N GLN A 128 4.72 17.00 6.76
CA GLN A 128 5.75 16.54 7.69
C GLN A 128 6.67 17.72 8.05
N LEU A 129 6.74 18.70 7.15
CA LEU A 129 7.55 19.89 7.38
C LEU A 129 6.86 20.73 8.46
N LEU A 130 5.54 20.67 8.50
CA LEU A 130 4.78 21.40 9.50
C LEU A 130 4.95 20.69 10.84
N PRO A 131 4.66 21.38 11.96
CA PRO A 131 4.79 20.80 13.29
C PRO A 131 3.70 19.77 13.64
N PRO A 132 3.98 18.91 14.64
CA PRO A 132 3.05 17.88 15.10
C PRO A 132 1.63 18.36 15.34
N ALA A 133 1.49 19.58 15.83
CA ALA A 133 0.18 20.15 16.10
C ALA A 133 -0.73 20.13 14.88
N VAL A 134 -0.14 20.07 13.69
CA VAL A 134 -0.91 20.05 12.45
C VAL A 134 -1.87 18.86 12.40
N GLU A 135 -1.58 17.82 13.19
CA GLU A 135 -2.42 16.63 13.23
C GLU A 135 -3.68 16.80 14.09
N LYS A 136 -3.70 17.83 14.94
CA LYS A 136 -4.84 18.07 15.81
C LYS A 136 -6.11 18.47 15.06
N ASP A 137 -7.26 18.34 15.72
CA ASP A 137 -8.53 18.69 15.10
C ASP A 137 -9.09 20.02 15.58
N SER A 138 -8.35 20.70 16.46
CA SER A 138 -8.79 22.00 16.97
C SER A 138 -7.67 23.01 16.76
N ALA A 139 -8.04 24.29 16.68
CA ALA A 139 -7.07 25.35 16.46
C ALA A 139 -5.88 25.27 17.41
N GLN A 140 -4.68 25.30 16.85
CA GLN A 140 -3.45 25.22 17.62
C GLN A 140 -2.60 26.47 17.39
N PRO A 141 -1.77 26.83 18.38
CA PRO A 141 -0.90 28.00 18.30
C PRO A 141 0.04 27.99 17.09
N GLY A 142 0.61 26.82 16.81
CA GLY A 142 1.56 26.71 15.72
C GLY A 142 2.95 26.82 16.30
N PRO A 143 3.86 27.58 15.69
CA PRO A 143 3.65 28.35 14.47
C PRO A 143 3.65 27.39 13.29
N TRP A 144 3.03 27.80 12.19
CA TRP A 144 2.96 26.94 11.02
C TRP A 144 4.14 27.22 10.10
N LEU A 145 5.31 26.80 10.55
CA LEU A 145 6.56 27.00 9.82
C LEU A 145 6.95 25.87 8.90
N VAL A 146 7.56 26.24 7.78
CA VAL A 146 8.03 25.29 6.78
C VAL A 146 9.48 25.67 6.48
N ALA A 147 10.40 24.80 6.90
CA ALA A 147 11.83 25.04 6.69
C ALA A 147 12.09 25.64 5.31
N GLY A 148 13.00 26.61 5.26
CA GLY A 148 13.31 27.24 4.00
C GLY A 148 14.27 26.43 3.15
N GLY A 149 14.13 26.53 1.84
CA GLY A 149 15.02 25.80 0.95
C GLY A 149 14.27 25.16 -0.20
N THR A 150 14.93 24.21 -0.85
CA THR A 150 14.33 23.53 -1.99
C THR A 150 14.48 22.01 -1.88
N ILE A 151 13.45 21.31 -2.32
CA ILE A 151 13.45 19.85 -2.33
C ILE A 151 13.06 19.43 -3.74
N GLU A 152 13.89 18.58 -4.34
CA GLU A 152 13.61 18.05 -5.66
C GLU A 152 13.48 16.57 -5.34
N ASP A 153 12.30 16.02 -5.60
CA ASP A 153 12.04 14.64 -5.23
C ASP A 153 11.37 13.80 -6.31
N THR A 154 11.94 12.63 -6.55
CA THR A 154 11.41 11.69 -7.54
C THR A 154 11.54 10.28 -6.94
N PRO A 155 10.64 9.35 -7.32
CA PRO A 155 10.67 7.99 -6.79
C PRO A 155 11.67 7.02 -7.44
N ARG A 156 12.22 6.12 -6.62
CA ARG A 156 13.16 5.12 -7.12
C ARG A 156 12.42 4.04 -7.89
N TYR A 157 11.34 3.53 -7.33
CA TYR A 157 10.54 2.47 -7.94
C TYR A 157 9.11 2.95 -8.22
N ALA A 158 8.50 2.41 -9.28
CA ALA A 158 7.14 2.77 -9.65
C ALA A 158 6.10 1.93 -8.89
N TRP A 159 6.55 0.81 -8.32
CA TRP A 159 5.64 -0.05 -7.57
C TRP A 159 5.92 0.07 -6.08
N ARG A 160 5.10 0.85 -5.39
CA ARG A 160 5.26 1.05 -3.96
C ARG A 160 3.87 0.86 -3.38
N SER A 161 3.57 -0.36 -2.95
CA SER A 161 2.25 -0.63 -2.44
C SER A 161 2.18 -1.16 -1.03
N ALA A 162 0.95 -1.17 -0.53
CA ALA A 162 0.62 -1.64 0.80
C ALA A 162 -0.55 -2.55 0.54
N MET A 163 -0.54 -3.74 1.14
CA MET A 163 -1.65 -4.65 0.93
C MET A 163 -2.45 -4.76 2.22
N LEU A 164 -3.76 -4.88 2.08
CA LEU A 164 -4.60 -5.08 3.25
C LEU A 164 -5.42 -6.33 3.01
N ASP A 165 -5.33 -7.26 3.95
CA ASP A 165 -6.08 -8.51 3.87
C ASP A 165 -7.45 -8.25 4.51
N VAL A 166 -8.50 -8.28 3.71
CA VAL A 166 -9.84 -8.07 4.24
C VAL A 166 -10.62 -9.38 4.21
N SER A 167 -9.90 -10.47 3.93
CA SER A 167 -10.51 -11.80 3.87
C SER A 167 -10.50 -12.51 5.22
N ARG A 168 -9.38 -12.46 5.94
CA ARG A 168 -9.27 -13.11 7.24
C ARG A 168 -10.21 -12.41 8.22
N HIS A 169 -10.12 -11.09 8.27
CA HIS A 169 -11.03 -10.28 9.07
C HIS A 169 -11.46 -9.18 8.13
N PHE A 170 -12.77 -8.99 8.01
CA PHE A 170 -13.32 -7.99 7.12
C PHE A 170 -13.24 -6.59 7.72
N PHE A 171 -12.95 -5.62 6.85
CA PHE A 171 -12.88 -4.23 7.26
C PHE A 171 -13.76 -3.47 6.26
N GLY A 172 -14.72 -2.72 6.80
CA GLY A 172 -15.65 -1.97 5.96
C GLY A 172 -15.02 -0.84 5.19
N VAL A 173 -15.83 -0.18 4.37
CA VAL A 173 -15.37 0.92 3.54
C VAL A 173 -14.64 2.00 4.33
N ASP A 174 -15.25 2.50 5.41
CA ASP A 174 -14.62 3.55 6.20
C ASP A 174 -13.30 3.12 6.84
N GLU A 175 -13.20 1.86 7.25
CA GLU A 175 -11.97 1.37 7.84
C GLU A 175 -10.89 1.27 6.76
N VAL A 176 -11.29 0.95 5.54
CA VAL A 176 -10.33 0.87 4.45
C VAL A 176 -9.89 2.29 4.08
N LYS A 177 -10.83 3.23 4.12
CA LYS A 177 -10.50 4.63 3.82
C LYS A 177 -9.49 5.12 4.86
N ARG A 178 -9.67 4.69 6.10
CA ARG A 178 -8.75 5.08 7.17
C ARG A 178 -7.35 4.52 6.86
N TYR A 179 -7.27 3.24 6.50
CA TYR A 179 -5.96 2.66 6.20
C TYR A 179 -5.33 3.37 4.99
N ILE A 180 -6.14 3.67 3.99
CA ILE A 180 -5.69 4.38 2.81
C ILE A 180 -5.01 5.70 3.21
N ASP A 181 -5.61 6.41 4.16
CA ASP A 181 -5.03 7.67 4.62
C ASP A 181 -3.70 7.43 5.32
N ARG A 182 -3.60 6.31 6.05
CA ARG A 182 -2.37 5.98 6.74
C ARG A 182 -1.23 5.78 5.73
N VAL A 183 -1.49 5.03 4.66
CA VAL A 183 -0.44 4.79 3.68
C VAL A 183 -0.15 5.99 2.77
N ALA A 184 -1.18 6.78 2.47
CA ALA A 184 -0.99 7.94 1.60
C ALA A 184 0.05 8.91 2.15
N ARG A 185 0.26 8.85 3.46
CA ARG A 185 1.24 9.73 4.12
C ARG A 185 2.65 9.51 3.61
N TYR A 186 2.95 8.29 3.18
CA TYR A 186 4.30 7.96 2.76
C TYR A 186 4.57 7.71 1.29
N LYS A 187 3.70 8.26 0.45
CA LYS A 187 3.83 8.16 -1.00
C LYS A 187 3.66 6.80 -1.66
N TYR A 188 2.96 5.89 -1.00
CA TYR A 188 2.68 4.59 -1.59
C TYR A 188 1.79 4.97 -2.77
N ASN A 189 1.86 4.24 -3.88
CA ASN A 189 1.01 4.58 -5.01
C ASN A 189 0.09 3.44 -5.46
N LYS A 190 0.13 2.33 -4.73
CA LYS A 190 -0.72 1.20 -5.05
C LYS A 190 -1.30 0.56 -3.78
N LEU A 191 -2.57 0.19 -3.84
CA LEU A 191 -3.24 -0.44 -2.72
C LEU A 191 -3.70 -1.82 -3.16
N HIS A 192 -3.00 -2.84 -2.69
CA HIS A 192 -3.31 -4.23 -3.01
C HIS A 192 -4.34 -4.71 -2.00
N LEU A 193 -5.50 -5.15 -2.48
CA LEU A 193 -6.55 -5.65 -1.60
C LEU A 193 -6.75 -7.14 -1.81
N HIS A 194 -6.52 -7.91 -0.74
CA HIS A 194 -6.68 -9.35 -0.76
C HIS A 194 -8.17 -9.57 -0.49
N LEU A 195 -8.93 -9.59 -1.57
CA LEU A 195 -10.38 -9.71 -1.52
C LEU A 195 -10.99 -11.07 -1.28
N SER A 196 -10.18 -12.12 -1.34
CA SER A 196 -10.73 -13.45 -1.11
C SER A 196 -9.69 -14.41 -0.58
N ASP A 197 -10.15 -15.36 0.23
CA ASP A 197 -9.27 -16.37 0.78
C ASP A 197 -10.13 -17.50 1.31
N ASP A 198 -9.59 -18.31 2.21
CA ASP A 198 -10.36 -19.42 2.74
C ASP A 198 -11.47 -19.02 3.71
N GLN A 199 -11.25 -17.92 4.44
CA GLN A 199 -12.22 -17.46 5.43
C GLN A 199 -13.24 -16.43 4.96
N GLY A 200 -13.17 -16.07 3.67
CA GLY A 200 -14.12 -15.10 3.16
C GLY A 200 -13.91 -14.63 1.74
N TRP A 201 -15.01 -14.23 1.11
CA TRP A 201 -15.04 -13.71 -0.26
C TRP A 201 -15.64 -12.34 -0.03
N ARG A 202 -14.89 -11.28 -0.35
CA ARG A 202 -15.34 -9.93 -0.05
C ARG A 202 -15.85 -9.00 -1.14
N ILE A 203 -16.09 -9.51 -2.34
CA ILE A 203 -16.57 -8.66 -3.42
C ILE A 203 -17.75 -9.32 -4.14
N ALA A 204 -18.84 -8.57 -4.26
CA ALA A 204 -20.03 -9.10 -4.93
C ALA A 204 -19.78 -9.35 -6.41
N ILE A 205 -20.15 -10.55 -6.86
CA ILE A 205 -20.01 -10.94 -8.25
C ILE A 205 -21.43 -11.27 -8.71
N ASP A 206 -21.99 -10.44 -9.59
CA ASP A 206 -23.36 -10.65 -10.07
C ASP A 206 -23.62 -12.05 -10.65
N SER A 207 -22.69 -12.54 -11.45
CA SER A 207 -22.84 -13.85 -12.07
C SER A 207 -22.77 -15.02 -11.08
N TRP A 208 -22.17 -14.78 -9.91
CA TRP A 208 -22.06 -15.82 -8.88
C TRP A 208 -22.37 -15.16 -7.53
N PRO A 209 -23.65 -14.82 -7.31
CA PRO A 209 -24.21 -14.15 -6.13
C PRO A 209 -23.84 -14.72 -4.76
N ARG A 210 -23.73 -16.05 -4.67
CA ARG A 210 -23.42 -16.70 -3.39
C ARG A 210 -22.01 -16.46 -2.85
N LEU A 211 -21.07 -16.16 -3.75
CA LEU A 211 -19.70 -15.92 -3.32
C LEU A 211 -19.72 -14.91 -2.18
N ALA A 212 -20.43 -13.79 -2.39
CA ALA A 212 -20.52 -12.78 -1.35
C ALA A 212 -21.56 -13.09 -0.28
N THR A 213 -22.80 -13.42 -0.67
CA THR A 213 -23.84 -13.66 0.32
C THR A 213 -23.56 -14.84 1.25
N TYR A 214 -22.92 -15.88 0.73
CA TYR A 214 -22.58 -17.03 1.56
C TYR A 214 -21.08 -17.02 1.91
N GLY A 215 -20.24 -16.96 0.89
CA GLY A 215 -18.80 -16.96 1.12
C GLY A 215 -18.27 -15.78 1.94
N GLY A 216 -19.07 -14.72 2.02
CA GLY A 216 -18.64 -13.57 2.80
C GLY A 216 -19.36 -13.48 4.13
N SER A 217 -20.14 -14.51 4.46
CA SER A 217 -20.93 -14.52 5.69
C SER A 217 -20.16 -14.63 7.00
N THR A 218 -18.90 -15.00 6.95
CA THR A 218 -18.13 -15.09 8.19
C THR A 218 -16.68 -14.68 7.98
N GLU A 219 -15.84 -14.95 8.98
CA GLU A 219 -14.42 -14.61 8.92
C GLU A 219 -13.67 -15.41 9.98
N VAL A 220 -12.37 -15.15 10.13
CA VAL A 220 -11.59 -15.84 11.14
C VAL A 220 -12.28 -15.66 12.49
N GLY A 221 -12.37 -16.74 13.26
CA GLY A 221 -13.02 -16.67 14.57
C GLY A 221 -14.54 -16.81 14.51
N GLY A 222 -15.08 -16.87 13.29
CA GLY A 222 -16.52 -17.02 13.16
C GLY A 222 -17.27 -15.74 13.40
N GLY A 223 -18.59 -15.83 13.43
CA GLY A 223 -19.39 -14.64 13.63
C GLY A 223 -19.58 -13.93 12.32
N PRO A 224 -20.11 -12.69 12.34
CA PRO A 224 -20.34 -11.91 11.12
C PRO A 224 -19.08 -11.68 10.30
N GLY A 225 -19.23 -11.71 8.98
CA GLY A 225 -18.11 -11.48 8.09
C GLY A 225 -18.30 -10.14 7.41
N GLY A 226 -18.74 -10.18 6.16
CA GLY A 226 -18.98 -8.95 5.42
C GLY A 226 -18.42 -9.03 4.02
N TYR A 227 -18.74 -8.03 3.20
CA TYR A 227 -18.24 -7.96 1.84
C TYR A 227 -18.63 -6.61 1.25
N TYR A 228 -18.00 -6.26 0.14
CA TYR A 228 -18.28 -4.99 -0.54
C TYR A 228 -19.29 -5.19 -1.66
N THR A 229 -20.36 -4.40 -1.64
CA THR A 229 -21.31 -4.45 -2.74
C THR A 229 -20.47 -3.76 -3.82
N LYS A 230 -20.91 -3.78 -5.06
CA LYS A 230 -20.14 -3.12 -6.10
C LYS A 230 -20.03 -1.62 -5.86
N ALA A 231 -21.09 -1.03 -5.30
CA ALA A 231 -21.06 0.40 -5.01
C ALA A 231 -19.98 0.72 -3.98
N GLU A 232 -19.92 -0.11 -2.94
CA GLU A 232 -18.94 0.07 -1.87
C GLU A 232 -17.53 -0.06 -2.43
N TYR A 233 -17.32 -1.06 -3.29
CA TYR A 233 -16.02 -1.27 -3.88
C TYR A 233 -15.61 -0.09 -4.76
N LYS A 234 -16.57 0.43 -5.52
CA LYS A 234 -16.29 1.58 -6.39
C LYS A 234 -15.93 2.81 -5.56
N GLU A 235 -16.55 2.94 -4.40
CA GLU A 235 -16.26 4.06 -3.51
C GLU A 235 -14.85 3.91 -2.94
N ILE A 236 -14.45 2.67 -2.65
CA ILE A 236 -13.10 2.43 -2.15
C ILE A 236 -12.11 2.80 -3.24
N VAL A 237 -12.38 2.37 -4.48
CA VAL A 237 -11.49 2.68 -5.59
C VAL A 237 -11.43 4.19 -5.80
N ARG A 238 -12.61 4.84 -5.78
CA ARG A 238 -12.66 6.28 -5.98
C ARG A 238 -11.84 7.00 -4.91
N TYR A 239 -12.06 6.64 -3.66
CA TYR A 239 -11.35 7.26 -2.56
C TYR A 239 -9.85 7.01 -2.70
N ALA A 240 -9.48 5.77 -2.99
CA ALA A 240 -8.08 5.43 -3.16
C ALA A 240 -7.47 6.30 -4.26
N ALA A 241 -8.20 6.44 -5.37
CA ALA A 241 -7.74 7.24 -6.49
C ALA A 241 -7.54 8.70 -6.08
N SER A 242 -8.40 9.21 -5.20
CA SER A 242 -8.27 10.61 -4.76
C SER A 242 -7.00 10.73 -3.90
N ARG A 243 -6.49 9.61 -3.42
CA ARG A 243 -5.27 9.62 -2.62
C ARG A 243 -4.13 9.08 -3.49
N HIS A 244 -4.38 9.05 -4.79
CA HIS A 244 -3.42 8.58 -5.78
C HIS A 244 -2.86 7.20 -5.49
N LEU A 245 -3.77 6.30 -5.16
CA LEU A 245 -3.45 4.91 -4.91
C LEU A 245 -4.17 4.12 -5.98
N GLU A 246 -3.40 3.38 -6.77
CA GLU A 246 -3.98 2.55 -7.80
C GLU A 246 -4.35 1.25 -7.10
N VAL A 247 -5.63 0.90 -7.12
CA VAL A 247 -6.08 -0.32 -6.45
C VAL A 247 -5.78 -1.57 -7.26
N VAL A 248 -5.08 -2.52 -6.63
CA VAL A 248 -4.74 -3.78 -7.25
C VAL A 248 -5.52 -4.87 -6.51
N PRO A 249 -6.65 -5.29 -7.08
CA PRO A 249 -7.47 -6.32 -6.44
C PRO A 249 -6.88 -7.71 -6.60
N GLU A 250 -7.09 -8.56 -5.60
CA GLU A 250 -6.57 -9.91 -5.69
C GLU A 250 -7.66 -10.92 -5.43
N ILE A 251 -7.77 -11.88 -6.34
CA ILE A 251 -8.70 -12.97 -6.18
C ILE A 251 -7.74 -14.16 -6.22
N ASP A 252 -7.37 -14.65 -5.05
CA ASP A 252 -6.40 -15.74 -4.94
C ASP A 252 -6.89 -17.04 -5.57
N MET A 253 -6.04 -17.64 -6.40
CA MET A 253 -6.36 -18.91 -7.06
C MET A 253 -5.06 -19.57 -7.53
N PRO A 254 -5.05 -20.90 -7.63
CA PRO A 254 -6.17 -21.82 -7.34
C PRO A 254 -6.29 -22.18 -5.85
N GLY A 255 -5.31 -21.75 -5.05
CA GLY A 255 -5.36 -22.04 -3.63
C GLY A 255 -6.05 -20.92 -2.86
N HIS A 256 -6.17 -21.07 -1.54
CA HIS A 256 -6.82 -20.06 -0.71
C HIS A 256 -8.20 -19.71 -1.29
N THR A 257 -8.91 -20.74 -1.73
CA THR A 257 -10.21 -20.57 -2.36
C THR A 257 -11.40 -21.18 -1.63
N ASN A 258 -11.24 -21.51 -0.34
CA ASN A 258 -12.36 -22.14 0.36
C ASN A 258 -13.68 -21.36 0.39
N ALA A 259 -13.61 -20.04 0.53
CA ALA A 259 -14.84 -19.25 0.56
C ALA A 259 -15.67 -19.50 -0.69
N ALA A 260 -15.00 -19.52 -1.84
CA ALA A 260 -15.68 -19.77 -3.11
C ALA A 260 -16.17 -21.22 -3.17
N LEU A 261 -15.29 -22.15 -2.82
CA LEU A 261 -15.62 -23.58 -2.84
C LEU A 261 -16.81 -23.90 -1.92
N ALA A 262 -16.83 -23.25 -0.76
CA ALA A 262 -17.91 -23.46 0.20
C ALA A 262 -19.24 -22.90 -0.30
N SER A 263 -19.16 -21.95 -1.22
CA SER A 263 -20.34 -21.30 -1.78
C SER A 263 -21.00 -22.04 -2.94
N TYR A 264 -20.19 -22.77 -3.70
CA TYR A 264 -20.71 -23.50 -4.86
C TYR A 264 -20.14 -24.91 -4.92
N ALA A 265 -20.97 -25.88 -4.53
CA ALA A 265 -20.57 -27.28 -4.53
C ALA A 265 -20.00 -27.71 -5.88
N GLU A 266 -20.56 -27.18 -6.97
CA GLU A 266 -20.11 -27.53 -8.31
C GLU A 266 -18.66 -27.16 -8.61
N LEU A 267 -18.08 -26.27 -7.79
CA LEU A 267 -16.70 -25.85 -7.99
C LEU A 267 -15.71 -26.87 -7.43
N ASN A 268 -16.20 -27.71 -6.53
CA ASN A 268 -15.38 -28.75 -5.92
C ASN A 268 -15.31 -29.96 -6.84
N CYS A 269 -14.12 -30.54 -6.97
CA CYS A 269 -13.94 -31.71 -7.81
C CYS A 269 -14.95 -32.82 -7.51
N ASP A 270 -15.20 -33.08 -6.23
CA ASP A 270 -16.16 -34.11 -5.87
C ASP A 270 -17.61 -33.61 -5.81
N GLY A 271 -17.83 -32.38 -6.23
CA GLY A 271 -19.18 -31.83 -6.24
C GLY A 271 -19.79 -31.54 -4.87
N VAL A 272 -18.98 -31.58 -3.82
CA VAL A 272 -19.47 -31.31 -2.48
C VAL A 272 -18.85 -30.01 -1.95
N ALA A 273 -19.69 -29.15 -1.37
CA ALA A 273 -19.22 -27.88 -0.83
C ALA A 273 -18.64 -28.04 0.57
N PRO A 274 -17.40 -27.57 0.78
CA PRO A 274 -16.78 -27.68 2.10
C PRO A 274 -17.44 -26.68 3.04
N PRO A 275 -17.23 -26.84 4.36
CA PRO A 275 -17.82 -25.91 5.32
C PRO A 275 -17.09 -24.58 5.19
N LEU A 276 -17.71 -23.49 5.67
CA LEU A 276 -17.05 -22.20 5.65
C LEU A 276 -15.89 -22.36 6.61
N TYR A 277 -14.75 -21.77 6.31
CA TYR A 277 -13.58 -21.90 7.17
C TYR A 277 -13.35 -20.70 8.06
N THR A 278 -13.13 -20.94 9.36
CA THR A 278 -12.90 -19.85 10.31
C THR A 278 -11.59 -20.00 11.08
N GLY A 279 -10.72 -20.90 10.63
CA GLY A 279 -9.44 -21.09 11.29
C GLY A 279 -8.38 -20.14 10.76
N THR A 280 -7.11 -20.39 11.11
CA THR A 280 -6.02 -19.52 10.68
C THR A 280 -4.86 -20.28 10.04
N LYS A 281 -5.17 -21.40 9.41
CA LYS A 281 -4.15 -22.21 8.74
C LYS A 281 -4.32 -22.02 7.24
N VAL A 282 -3.43 -22.61 6.45
CA VAL A 282 -3.48 -22.45 5.00
C VAL A 282 -3.11 -23.72 4.24
N GLY A 283 -3.28 -23.69 2.91
CA GLY A 283 -2.89 -24.80 2.06
C GLY A 283 -3.80 -25.97 1.74
N PHE A 284 -4.98 -26.03 2.34
CA PHE A 284 -5.88 -27.17 2.11
C PHE A 284 -6.90 -27.04 0.97
N SER A 285 -7.13 -25.82 0.50
CA SER A 285 -8.12 -25.61 -0.56
C SER A 285 -7.55 -25.54 -1.96
N SER A 286 -8.37 -25.92 -2.93
CA SER A 286 -7.96 -25.88 -4.32
C SER A 286 -9.15 -25.91 -5.26
N LEU A 287 -9.12 -25.05 -6.28
CA LEU A 287 -10.19 -25.05 -7.26
C LEU A 287 -10.02 -26.37 -7.99
N CYS A 288 -11.05 -26.80 -8.72
CA CYS A 288 -10.95 -28.06 -9.44
C CYS A 288 -10.40 -27.82 -10.84
N VAL A 289 -9.10 -28.04 -10.99
CA VAL A 289 -8.43 -27.84 -12.27
C VAL A 289 -8.98 -28.71 -13.40
N ASP A 290 -9.63 -29.81 -13.04
CA ASP A 290 -10.18 -30.75 -14.02
C ASP A 290 -11.55 -30.40 -14.60
N LYS A 291 -12.29 -29.51 -13.94
CA LYS A 291 -13.63 -29.12 -14.39
C LYS A 291 -13.68 -27.89 -15.29
N ASP A 292 -14.60 -27.90 -16.25
CA ASP A 292 -14.77 -26.79 -17.17
C ASP A 292 -15.42 -25.60 -16.48
N VAL A 293 -16.33 -25.88 -15.55
CA VAL A 293 -17.02 -24.82 -14.83
C VAL A 293 -16.02 -23.96 -14.07
N THR A 294 -14.91 -24.56 -13.65
CA THR A 294 -13.88 -23.83 -12.93
C THR A 294 -13.44 -22.61 -13.72
N TYR A 295 -13.23 -22.81 -15.02
CA TYR A 295 -12.80 -21.74 -15.89
C TYR A 295 -13.90 -20.76 -16.29
N ASP A 296 -15.16 -21.18 -16.21
CA ASP A 296 -16.26 -20.26 -16.52
C ASP A 296 -16.30 -19.32 -15.32
N PHE A 297 -16.22 -19.93 -14.14
CA PHE A 297 -16.21 -19.22 -12.87
C PHE A 297 -15.08 -18.18 -12.87
N VAL A 298 -13.86 -18.63 -13.12
CA VAL A 298 -12.72 -17.73 -13.15
C VAL A 298 -12.95 -16.61 -14.16
N ASP A 299 -13.44 -16.96 -15.35
CA ASP A 299 -13.68 -15.96 -16.38
C ASP A 299 -14.70 -14.92 -15.93
N ASP A 300 -15.79 -15.39 -15.33
CA ASP A 300 -16.84 -14.48 -14.86
C ASP A 300 -16.29 -13.54 -13.79
N VAL A 301 -15.64 -14.11 -12.78
CA VAL A 301 -15.08 -13.31 -11.70
C VAL A 301 -14.09 -12.26 -12.20
N ILE A 302 -13.07 -12.71 -12.91
CA ILE A 302 -12.08 -11.78 -13.42
C ILE A 302 -12.74 -10.73 -14.31
N GLY A 303 -13.70 -11.16 -15.13
CA GLY A 303 -14.38 -10.22 -16.01
C GLY A 303 -15.09 -9.12 -15.23
N GLU A 304 -15.83 -9.50 -14.20
CA GLU A 304 -16.54 -8.52 -13.39
C GLU A 304 -15.56 -7.68 -12.57
N LEU A 305 -14.51 -8.31 -12.07
CA LEU A 305 -13.52 -7.59 -11.27
C LEU A 305 -12.81 -6.56 -12.15
N ALA A 306 -12.46 -6.96 -13.35
CA ALA A 306 -11.79 -6.06 -14.29
C ALA A 306 -12.64 -4.81 -14.53
N ALA A 307 -13.94 -5.01 -14.71
CA ALA A 307 -14.85 -3.90 -14.96
C ALA A 307 -14.88 -2.90 -13.79
N LEU A 308 -14.55 -3.37 -12.60
CA LEU A 308 -14.53 -2.52 -11.41
C LEU A 308 -13.13 -2.01 -11.15
N THR A 309 -12.18 -2.36 -12.01
CA THR A 309 -10.79 -1.98 -11.82
C THR A 309 -10.23 -1.04 -12.87
N PRO A 310 -10.21 0.28 -12.59
CA PRO A 310 -9.68 1.23 -13.57
C PRO A 310 -8.15 1.12 -13.61
N GLY A 311 -7.59 0.49 -12.58
CA GLY A 311 -6.15 0.31 -12.50
C GLY A 311 -5.68 -0.65 -13.57
N ARG A 312 -4.37 -0.73 -13.75
CA ARG A 312 -3.78 -1.60 -14.77
C ARG A 312 -3.60 -3.08 -14.41
N TYR A 313 -3.56 -3.38 -13.11
CA TYR A 313 -3.31 -4.74 -12.67
C TYR A 313 -4.42 -5.54 -12.03
N LEU A 314 -4.30 -6.85 -12.14
CA LEU A 314 -5.24 -7.81 -11.58
C LEU A 314 -4.37 -8.91 -10.94
N HIS A 315 -4.49 -9.06 -9.63
CA HIS A 315 -3.68 -10.02 -8.89
C HIS A 315 -4.46 -11.34 -8.75
N ILE A 316 -3.88 -12.43 -9.27
CA ILE A 316 -4.55 -13.73 -9.17
C ILE A 316 -3.95 -14.65 -8.10
N GLY A 317 -3.11 -14.09 -7.25
CA GLY A 317 -2.49 -14.87 -6.19
C GLY A 317 -1.65 -16.03 -6.67
N GLY A 318 -2.00 -17.25 -6.26
CA GLY A 318 -1.26 -18.42 -6.67
C GLY A 318 -0.34 -18.99 -5.59
N ASP A 319 -0.46 -18.45 -4.39
CA ASP A 319 0.34 -18.89 -3.27
C ASP A 319 -0.24 -20.09 -2.55
N GLU A 320 0.64 -20.90 -1.98
CA GLU A 320 0.25 -22.05 -1.17
C GLU A 320 -0.88 -22.92 -1.71
N ALA A 321 -0.82 -23.27 -2.99
CA ALA A 321 -1.84 -24.15 -3.55
C ALA A 321 -1.29 -25.54 -3.26
N HIS A 322 -1.12 -25.86 -1.98
CA HIS A 322 -0.55 -27.13 -1.57
C HIS A 322 -1.42 -28.36 -1.79
N SER A 323 -2.69 -28.16 -2.13
CA SER A 323 -3.57 -29.28 -2.39
C SER A 323 -3.74 -29.37 -3.90
N THR A 324 -2.85 -28.68 -4.61
CA THR A 324 -2.87 -28.66 -6.06
C THR A 324 -1.54 -29.19 -6.59
N PRO A 325 -1.54 -30.40 -7.17
CA PRO A 325 -0.31 -30.97 -7.70
C PRO A 325 0.41 -29.98 -8.62
N LYS A 326 1.74 -29.95 -8.52
CA LYS A 326 2.55 -29.04 -9.32
C LYS A 326 2.06 -29.01 -10.77
N ALA A 327 1.81 -30.19 -11.34
CA ALA A 327 1.34 -30.29 -12.71
C ALA A 327 -0.01 -29.59 -12.92
N ASP A 328 -0.92 -29.77 -11.98
CA ASP A 328 -2.23 -29.13 -12.10
C ASP A 328 -2.11 -27.62 -11.91
N PHE A 329 -1.19 -27.20 -11.05
CA PHE A 329 -0.97 -25.78 -10.80
C PHE A 329 -0.50 -25.11 -12.09
N VAL A 330 0.48 -25.74 -12.75
CA VAL A 330 1.02 -25.21 -13.98
C VAL A 330 -0.10 -25.15 -15.04
N ALA A 331 -0.86 -26.23 -15.16
CA ALA A 331 -1.95 -26.26 -16.14
C ALA A 331 -2.95 -25.16 -15.85
N PHE A 332 -3.33 -25.03 -14.57
CA PHE A 332 -4.29 -24.02 -14.16
C PHE A 332 -3.83 -22.60 -14.53
N MET A 333 -2.61 -22.26 -14.13
CA MET A 333 -2.06 -20.93 -14.43
C MET A 333 -1.90 -20.69 -15.92
N LYS A 334 -1.62 -21.76 -16.66
CA LYS A 334 -1.48 -21.67 -18.10
C LYS A 334 -2.79 -21.18 -18.69
N ARG A 335 -3.89 -21.75 -18.19
CA ARG A 335 -5.23 -21.42 -18.65
C ARG A 335 -5.83 -20.12 -18.14
N VAL A 336 -5.59 -19.79 -16.87
CA VAL A 336 -6.18 -18.56 -16.32
C VAL A 336 -5.48 -17.23 -16.64
N GLN A 337 -4.15 -17.24 -16.71
CA GLN A 337 -3.43 -16.01 -16.99
C GLN A 337 -3.96 -15.22 -18.20
N PRO A 338 -4.22 -15.90 -19.32
CA PRO A 338 -4.74 -15.22 -20.51
C PRO A 338 -6.07 -14.49 -20.26
N ILE A 339 -6.85 -15.00 -19.30
CA ILE A 339 -8.14 -14.40 -18.98
C ILE A 339 -7.94 -12.97 -18.52
N VAL A 340 -6.87 -12.74 -17.77
CA VAL A 340 -6.56 -11.40 -17.29
C VAL A 340 -6.36 -10.46 -18.47
N ALA A 341 -5.52 -10.87 -19.42
CA ALA A 341 -5.25 -10.04 -20.59
C ALA A 341 -6.51 -9.86 -21.42
N LYS A 342 -7.35 -10.89 -21.45
CA LYS A 342 -8.60 -10.84 -22.19
C LYS A 342 -9.43 -9.64 -21.77
N TYR A 343 -9.40 -9.34 -20.47
CA TYR A 343 -10.16 -8.21 -19.96
C TYR A 343 -9.32 -6.96 -19.84
N GLY A 344 -8.21 -6.94 -20.59
CA GLY A 344 -7.32 -5.79 -20.64
C GLY A 344 -6.47 -5.44 -19.43
N LYS A 345 -6.12 -6.41 -18.61
CA LYS A 345 -5.30 -6.09 -17.44
C LYS A 345 -3.96 -6.84 -17.43
N THR A 346 -3.05 -6.36 -16.60
CA THR A 346 -1.73 -6.96 -16.46
C THR A 346 -1.80 -7.87 -15.24
N VAL A 347 -1.44 -9.14 -15.42
CA VAL A 347 -1.51 -10.09 -14.32
C VAL A 347 -0.39 -9.97 -13.29
N VAL A 348 -0.75 -10.19 -12.04
CA VAL A 348 0.20 -10.15 -10.94
C VAL A 348 -0.07 -11.42 -10.14
N GLY A 349 0.99 -12.07 -9.68
CA GLY A 349 0.80 -13.28 -8.89
C GLY A 349 1.90 -13.38 -7.85
N TRP A 350 1.70 -14.21 -6.84
CA TRP A 350 2.74 -14.41 -5.84
C TRP A 350 3.84 -15.14 -6.59
N HIS A 351 5.05 -15.18 -6.05
CA HIS A 351 6.15 -15.79 -6.80
C HIS A 351 6.03 -17.27 -7.19
N GLN A 352 5.05 -17.98 -6.66
CA GLN A 352 4.88 -19.38 -7.05
C GLN A 352 4.55 -19.40 -8.55
N LEU A 353 4.03 -18.28 -9.04
CA LEU A 353 3.69 -18.15 -10.45
C LEU A 353 4.94 -18.29 -11.31
N ALA A 354 6.09 -17.95 -10.73
CA ALA A 354 7.36 -18.03 -11.45
C ALA A 354 7.66 -19.47 -11.86
N GLY A 355 7.00 -20.42 -11.20
CA GLY A 355 7.20 -21.82 -11.52
C GLY A 355 6.11 -22.36 -12.42
N ALA A 356 5.24 -21.47 -12.90
CA ALA A 356 4.14 -21.89 -13.76
C ALA A 356 4.09 -21.06 -15.03
N GLU A 357 5.26 -20.66 -15.52
CA GLU A 357 5.37 -19.91 -16.77
C GLU A 357 4.57 -18.59 -16.84
N PRO A 358 5.13 -17.52 -16.27
CA PRO A 358 4.46 -16.21 -16.28
C PRO A 358 4.31 -15.73 -17.72
N VAL A 359 3.14 -15.21 -18.06
CA VAL A 359 2.92 -14.70 -19.40
C VAL A 359 3.66 -13.37 -19.53
N GLU A 360 3.80 -12.90 -20.76
CA GLU A 360 4.48 -11.66 -21.05
C GLU A 360 3.79 -10.50 -20.33
N GLY A 361 4.59 -9.61 -19.72
CA GLY A 361 4.04 -8.47 -19.02
C GLY A 361 3.68 -8.71 -17.56
N ALA A 362 3.62 -9.97 -17.16
CA ALA A 362 3.27 -10.31 -15.79
C ALA A 362 4.31 -9.86 -14.77
N LEU A 363 3.87 -9.74 -13.52
CA LEU A 363 4.74 -9.37 -12.42
C LEU A 363 4.50 -10.43 -11.34
N VAL A 364 5.54 -10.76 -10.59
CA VAL A 364 5.37 -11.73 -9.53
C VAL A 364 5.82 -11.08 -8.25
N GLN A 365 5.10 -11.39 -7.18
CA GLN A 365 5.39 -10.82 -5.88
C GLN A 365 6.11 -11.86 -5.03
N TYR A 366 7.37 -11.59 -4.73
CA TYR A 366 8.20 -12.48 -3.93
C TYR A 366 7.93 -12.30 -2.45
N TRP A 367 7.52 -13.37 -1.77
CA TRP A 367 7.25 -13.30 -0.35
C TRP A 367 8.10 -14.26 0.47
N GLY A 368 9.23 -14.66 -0.08
CA GLY A 368 10.12 -15.56 0.63
C GLY A 368 10.86 -14.80 1.71
N LEU A 369 11.82 -15.47 2.36
CA LEU A 369 12.62 -14.86 3.39
C LEU A 369 14.03 -15.42 3.32
N ASP A 370 14.87 -15.05 4.28
CA ASP A 370 16.25 -15.54 4.27
C ASP A 370 16.36 -17.06 4.21
N ARG A 371 15.60 -17.76 5.03
CA ARG A 371 15.66 -19.22 5.04
C ARG A 371 15.14 -19.89 3.76
N THR A 372 14.59 -19.11 2.83
CA THR A 372 14.09 -19.68 1.59
C THR A 372 15.26 -20.30 0.83
N GLY A 373 15.06 -21.49 0.28
CA GLY A 373 16.11 -22.17 -0.45
C GLY A 373 16.57 -21.53 -1.75
N ASP A 374 17.77 -21.88 -2.18
CA ASP A 374 18.34 -21.34 -3.40
C ASP A 374 17.52 -21.70 -4.64
N ALA A 375 17.04 -22.93 -4.69
CA ALA A 375 16.25 -23.37 -5.84
C ALA A 375 15.03 -22.47 -6.03
N GLU A 376 14.35 -22.12 -4.95
CA GLU A 376 13.16 -21.28 -5.05
C GLU A 376 13.54 -19.86 -5.49
N LYS A 377 14.55 -19.30 -4.85
CA LYS A 377 15.00 -17.96 -5.20
C LYS A 377 15.47 -17.92 -6.66
N ALA A 378 16.11 -18.99 -7.10
CA ALA A 378 16.60 -19.10 -8.48
C ALA A 378 15.46 -19.06 -9.49
N GLU A 379 14.39 -19.78 -9.18
CA GLU A 379 13.23 -19.83 -10.05
C GLU A 379 12.67 -18.41 -10.24
N VAL A 380 12.67 -17.62 -9.18
CA VAL A 380 12.16 -16.25 -9.23
C VAL A 380 13.12 -15.36 -10.03
N ALA A 381 14.42 -15.50 -9.75
CA ALA A 381 15.42 -14.71 -10.46
C ALA A 381 15.43 -15.07 -11.94
N GLU A 382 15.11 -16.32 -12.26
CA GLU A 382 15.08 -16.77 -13.63
C GLU A 382 13.90 -16.12 -14.35
N ALA A 383 12.78 -15.99 -13.64
CA ALA A 383 11.61 -15.36 -14.21
C ALA A 383 11.94 -13.91 -14.51
N ALA A 384 12.68 -13.27 -13.61
CA ALA A 384 13.08 -11.89 -13.78
C ALA A 384 13.88 -11.81 -15.08
N ARG A 385 14.81 -12.75 -15.25
CA ARG A 385 15.63 -12.80 -16.45
C ARG A 385 14.75 -12.96 -17.69
N ASN A 386 13.66 -13.71 -17.56
CA ASN A 386 12.77 -13.92 -18.69
C ASN A 386 11.78 -12.78 -18.93
N GLY A 387 12.02 -11.65 -18.28
CA GLY A 387 11.15 -10.51 -18.48
C GLY A 387 10.05 -10.28 -17.46
N THR A 388 9.90 -11.17 -16.49
CA THR A 388 8.88 -11.01 -15.47
C THR A 388 9.26 -9.93 -14.47
N GLY A 389 8.35 -9.02 -14.19
CA GLY A 389 8.62 -7.96 -13.23
C GLY A 389 8.59 -8.48 -11.81
N LEU A 390 9.45 -7.96 -10.95
CA LEU A 390 9.51 -8.41 -9.56
C LEU A 390 9.05 -7.40 -8.53
N ILE A 391 8.14 -7.82 -7.66
CA ILE A 391 7.65 -6.98 -6.57
C ILE A 391 8.21 -7.66 -5.33
N LEU A 392 8.99 -6.95 -4.55
CA LEU A 392 9.58 -7.54 -3.36
C LEU A 392 8.84 -7.26 -2.05
N SER A 393 8.42 -8.33 -1.38
CA SER A 393 7.75 -8.21 -0.09
C SER A 393 8.18 -9.41 0.75
N PRO A 394 9.46 -9.44 1.17
CA PRO A 394 9.97 -10.55 1.98
C PRO A 394 9.20 -10.68 3.29
N ALA A 395 8.84 -11.92 3.63
CA ALA A 395 8.08 -12.18 4.85
C ALA A 395 8.84 -11.80 6.12
N ASP A 396 10.17 -11.83 6.07
CA ASP A 396 10.95 -11.46 7.24
C ASP A 396 11.48 -10.04 7.10
N ARG A 397 10.78 -9.25 6.27
CA ARG A 397 11.18 -7.87 6.05
C ARG A 397 10.02 -6.87 6.05
N THR A 398 9.05 -7.08 5.15
CA THR A 398 7.95 -6.14 5.01
C THR A 398 6.55 -6.58 5.44
N TYR A 399 6.42 -7.79 5.97
CA TYR A 399 5.13 -8.27 6.43
C TYR A 399 4.78 -7.57 7.72
N LEU A 400 3.77 -6.69 7.67
CA LEU A 400 3.35 -5.93 8.84
C LEU A 400 2.64 -6.77 9.89
N ASP A 401 2.26 -7.99 9.52
CA ASP A 401 1.59 -8.87 10.48
C ASP A 401 2.61 -9.66 11.28
N MET A 402 3.89 -9.58 10.91
CA MET A 402 4.90 -10.35 11.65
C MET A 402 5.25 -9.65 12.96
N LYS A 403 5.36 -10.44 14.03
CA LYS A 403 5.70 -9.90 15.35
C LYS A 403 7.04 -9.19 15.35
N TYR A 404 7.15 -8.18 16.19
CA TYR A 404 8.38 -7.40 16.34
C TYR A 404 9.38 -8.24 17.14
N THR A 405 8.86 -8.89 18.17
CA THR A 405 9.66 -9.74 19.06
C THR A 405 8.73 -10.85 19.56
N LYS A 406 9.29 -11.79 20.31
CA LYS A 406 8.51 -12.90 20.86
C LYS A 406 7.40 -12.41 21.78
N ASP A 407 7.52 -11.18 22.26
CA ASP A 407 6.52 -10.62 23.18
C ASP A 407 5.38 -9.84 22.52
N THR A 408 5.45 -9.62 21.21
CA THR A 408 4.38 -8.89 20.53
C THR A 408 3.06 -9.65 20.73
N PRO A 409 2.03 -8.96 21.23
CA PRO A 409 0.70 -9.54 21.49
C PRO A 409 -0.11 -9.97 20.27
N LEU A 410 0.10 -9.34 19.12
CA LEU A 410 -0.63 -9.70 17.92
C LEU A 410 0.37 -10.20 16.86
N GLY A 411 -0.13 -10.53 15.67
CA GLY A 411 0.75 -10.97 14.60
C GLY A 411 1.21 -12.42 14.63
N LEU A 412 1.98 -12.79 13.61
CA LEU A 412 2.48 -14.13 13.47
C LEU A 412 4.00 -14.13 13.63
N SER A 413 4.58 -15.33 13.60
CA SER A 413 6.03 -15.43 13.78
C SER A 413 6.63 -16.55 12.95
N TRP A 414 5.89 -17.05 11.98
CA TRP A 414 6.39 -18.14 11.15
C TRP A 414 7.64 -17.71 10.38
N ALA A 415 7.74 -16.41 10.09
CA ALA A 415 8.89 -15.89 9.37
C ALA A 415 9.92 -15.32 10.35
N GLY A 416 9.78 -15.67 11.62
CA GLY A 416 10.68 -15.15 12.64
C GLY A 416 10.15 -13.84 13.16
N TYR A 417 10.99 -13.07 13.84
CA TYR A 417 10.59 -11.79 14.39
C TYR A 417 11.19 -10.68 13.54
N VAL A 418 10.45 -9.59 13.37
CA VAL A 418 10.93 -8.50 12.52
C VAL A 418 10.85 -7.14 13.19
N GLU A 419 11.97 -6.72 13.78
CA GLU A 419 12.04 -5.43 14.42
C GLU A 419 12.15 -4.33 13.37
N VAL A 420 12.09 -3.09 13.81
CA VAL A 420 12.14 -1.94 12.92
C VAL A 420 13.38 -1.88 12.05
N GLN A 421 14.56 -2.12 12.64
CA GLN A 421 15.76 -2.06 11.83
C GLN A 421 15.74 -3.12 10.73
N ARG A 422 15.42 -4.36 11.10
CA ARG A 422 15.39 -5.41 10.09
C ARG A 422 14.48 -5.10 8.92
N SER A 423 13.30 -4.56 9.23
CA SER A 423 12.34 -4.23 8.19
C SER A 423 12.85 -3.18 7.19
N TYR A 424 13.67 -2.25 7.67
CA TYR A 424 14.20 -1.17 6.86
C TYR A 424 15.59 -1.38 6.26
N ASP A 425 16.45 -2.03 7.03
CA ASP A 425 17.84 -2.21 6.64
C ASP A 425 18.22 -3.19 5.53
N TRP A 426 17.81 -2.89 4.30
CA TRP A 426 18.15 -3.73 3.15
C TRP A 426 17.96 -2.96 1.85
N ASP A 427 18.47 -3.51 0.75
CA ASP A 427 18.39 -2.86 -0.55
C ASP A 427 17.69 -3.78 -1.56
N PRO A 428 16.53 -3.34 -2.09
CA PRO A 428 15.77 -4.13 -3.06
C PRO A 428 16.58 -4.49 -4.30
N ALA A 429 17.48 -3.61 -4.71
CA ALA A 429 18.31 -3.81 -5.89
C ALA A 429 19.15 -5.10 -5.85
N GLY A 430 19.75 -5.40 -4.72
CA GLY A 430 20.56 -6.61 -4.64
C GLY A 430 20.08 -7.61 -3.61
N TYR A 431 18.77 -7.62 -3.36
CA TYR A 431 18.21 -8.52 -2.37
C TYR A 431 18.14 -9.97 -2.83
N LEU A 432 17.58 -10.18 -4.02
CA LEU A 432 17.44 -11.53 -4.54
C LEU A 432 18.67 -11.93 -5.35
N PRO A 433 19.38 -12.97 -4.89
CA PRO A 433 20.58 -13.47 -5.54
C PRO A 433 20.41 -13.73 -7.03
N GLY A 434 21.30 -13.15 -7.83
CA GLY A 434 21.26 -13.35 -9.27
C GLY A 434 20.11 -12.72 -10.04
N ALA A 435 19.28 -11.95 -9.36
CA ALA A 435 18.15 -11.29 -10.02
C ALA A 435 18.58 -9.94 -10.58
N PRO A 436 18.30 -9.68 -11.87
CA PRO A 436 18.66 -8.41 -12.51
C PRO A 436 17.98 -7.26 -11.78
N ALA A 437 18.75 -6.27 -11.35
CA ALA A 437 18.21 -5.11 -10.63
C ALA A 437 17.10 -4.39 -11.40
N ASP A 438 17.22 -4.34 -12.72
CA ASP A 438 16.23 -3.66 -13.53
C ASP A 438 14.89 -4.40 -13.56
N ALA A 439 14.86 -5.62 -13.03
CA ALA A 439 13.64 -6.41 -13.00
C ALA A 439 12.79 -6.10 -11.77
N VAL A 440 13.41 -5.43 -10.81
CA VAL A 440 12.73 -5.06 -9.57
C VAL A 440 11.82 -3.84 -9.81
N ARG A 441 10.51 -4.07 -9.80
CA ARG A 441 9.56 -3.00 -10.02
C ARG A 441 9.31 -2.19 -8.76
N GLY A 442 9.53 -2.81 -7.61
CA GLY A 442 9.33 -2.10 -6.36
C GLY A 442 9.14 -3.01 -5.18
N VAL A 443 8.47 -2.50 -4.16
CA VAL A 443 8.24 -3.24 -2.93
C VAL A 443 6.79 -3.13 -2.48
N GLU A 444 6.40 -3.99 -1.54
CA GLU A 444 5.07 -3.97 -0.99
C GLU A 444 5.12 -4.38 0.48
N ALA A 445 4.31 -3.72 1.29
CA ALA A 445 4.22 -4.03 2.72
C ALA A 445 2.83 -4.64 2.92
N PRO A 446 2.76 -5.98 2.98
CA PRO A 446 1.46 -6.62 3.17
C PRO A 446 1.07 -6.69 4.63
N LEU A 447 -0.23 -6.52 4.90
CA LEU A 447 -0.73 -6.61 6.26
C LEU A 447 -1.82 -7.67 6.28
N TRP A 448 -1.44 -8.89 6.66
CA TRP A 448 -2.38 -10.01 6.74
C TRP A 448 -3.17 -9.88 8.04
N THR A 449 -4.41 -10.31 8.04
CA THR A 449 -5.23 -10.13 9.24
C THR A 449 -5.75 -11.33 10.02
N GLU A 450 -4.99 -12.44 10.00
CA GLU A 450 -5.42 -13.60 10.77
C GLU A 450 -5.66 -13.21 12.23
N THR A 451 -4.82 -12.31 12.74
CA THR A 451 -4.88 -11.90 14.14
C THR A 451 -5.35 -10.47 14.40
N LEU A 452 -5.74 -9.75 13.36
CA LEU A 452 -6.16 -8.37 13.52
C LEU A 452 -7.63 -8.18 13.13
N SER A 453 -8.41 -7.61 14.02
CA SER A 453 -9.83 -7.42 13.74
C SER A 453 -10.33 -5.99 13.84
N ASP A 454 -9.50 -5.05 14.28
CA ASP A 454 -9.96 -3.66 14.34
C ASP A 454 -8.88 -2.67 13.88
N PRO A 455 -9.31 -1.48 13.42
CA PRO A 455 -8.41 -0.44 12.93
C PRO A 455 -7.22 -0.09 13.81
N ASP A 456 -7.42 -0.11 15.13
CA ASP A 456 -6.32 0.21 16.05
C ASP A 456 -5.25 -0.86 16.02
N GLN A 457 -5.65 -2.11 15.82
CA GLN A 457 -4.69 -3.20 15.78
C GLN A 457 -3.89 -3.11 14.48
N LEU A 458 -4.55 -2.66 13.41
CA LEU A 458 -3.87 -2.51 12.13
C LEU A 458 -2.77 -1.46 12.29
N ASP A 459 -3.08 -0.38 12.99
CA ASP A 459 -2.12 0.70 13.22
C ASP A 459 -0.92 0.22 14.03
N TYR A 460 -1.18 -0.53 15.09
CA TYR A 460 -0.12 -1.03 15.96
C TYR A 460 0.87 -1.91 15.19
N MET A 461 0.35 -2.70 14.26
CA MET A 461 1.20 -3.60 13.48
C MET A 461 1.76 -2.91 12.23
N ALA A 462 1.05 -1.90 11.74
CA ALA A 462 1.50 -1.17 10.57
C ALA A 462 2.61 -0.17 10.90
N PHE A 463 2.47 0.51 12.04
CA PHE A 463 3.46 1.51 12.45
C PHE A 463 4.35 0.95 13.55
N PRO A 464 5.65 1.31 13.55
CA PRO A 464 6.38 2.19 12.63
C PRO A 464 7.06 1.60 11.39
N ARG A 465 6.79 0.35 11.05
CA ARG A 465 7.46 -0.23 9.87
C ARG A 465 6.95 0.28 8.52
N LEU A 466 5.68 0.68 8.47
CA LEU A 466 5.09 1.15 7.22
C LEU A 466 5.89 2.25 6.49
N PRO A 467 6.31 3.31 7.23
CA PRO A 467 7.07 4.39 6.59
C PRO A 467 8.37 3.88 5.98
N GLY A 468 9.01 2.95 6.68
CA GLY A 468 10.28 2.40 6.21
C GLY A 468 10.19 1.70 4.87
N VAL A 469 9.14 0.90 4.68
CA VAL A 469 9.00 0.20 3.42
C VAL A 469 8.71 1.20 2.30
N ALA A 470 7.99 2.27 2.65
CA ALA A 470 7.67 3.31 1.68
C ALA A 470 8.97 3.96 1.21
N GLU A 471 9.91 4.14 2.14
CA GLU A 471 11.20 4.76 1.81
C GLU A 471 12.00 3.86 0.88
N LEU A 472 11.97 2.56 1.14
CA LEU A 472 12.70 1.62 0.30
C LEU A 472 12.16 1.70 -1.13
N GLY A 473 10.86 1.91 -1.26
CA GLY A 473 10.29 2.00 -2.58
C GLY A 473 10.51 3.35 -3.23
N TRP A 474 10.58 4.39 -2.42
CA TRP A 474 10.72 5.76 -2.94
C TRP A 474 12.12 6.37 -3.01
N SER A 475 12.81 6.39 -1.87
CA SER A 475 14.12 7.01 -1.76
C SER A 475 15.29 6.40 -2.52
N PRO A 476 16.31 7.22 -2.82
CA PRO A 476 17.52 6.79 -3.53
C PRO A 476 18.32 5.90 -2.61
N ALA A 477 18.99 4.89 -3.16
CA ALA A 477 19.78 3.99 -2.34
C ALA A 477 20.83 4.76 -1.55
N SER A 478 21.28 5.88 -2.11
CA SER A 478 22.30 6.70 -1.46
C SER A 478 21.85 7.35 -0.16
N THR A 479 20.53 7.48 0.03
CA THR A 479 20.01 8.09 1.24
C THR A 479 19.74 7.06 2.33
N HIS A 480 19.80 5.78 1.97
CA HIS A 480 19.55 4.70 2.92
C HIS A 480 20.61 4.53 4.00
N ASP A 481 20.19 4.64 5.26
CA ASP A 481 21.09 4.49 6.39
C ASP A 481 20.27 4.40 7.67
N TRP A 482 20.34 3.25 8.33
CA TRP A 482 19.57 3.04 9.55
C TRP A 482 19.79 4.07 10.64
N ASP A 483 21.04 4.36 10.97
CA ASP A 483 21.35 5.31 12.03
C ASP A 483 20.76 6.69 11.84
N THR A 484 20.71 7.18 10.61
CA THR A 484 20.14 8.49 10.36
C THR A 484 18.64 8.38 10.13
N TYR A 485 18.20 7.24 9.58
CA TYR A 485 16.78 7.04 9.31
C TYR A 485 15.99 6.96 10.61
N LYS A 486 16.51 6.23 11.60
CA LYS A 486 15.82 6.08 12.87
C LYS A 486 15.55 7.40 13.56
N VAL A 487 16.38 8.41 13.25
CA VAL A 487 16.20 9.73 13.84
C VAL A 487 14.98 10.36 13.18
N ARG A 488 14.88 10.18 11.87
CA ARG A 488 13.74 10.72 11.12
C ARG A 488 12.48 9.99 11.55
N LEU A 489 12.58 8.67 11.75
CA LEU A 489 11.44 7.87 12.17
C LEU A 489 11.02 8.29 13.57
N ALA A 490 12.01 8.49 14.45
CA ALA A 490 11.74 8.88 15.82
C ALA A 490 10.95 10.18 15.88
N ALA A 491 11.20 11.07 14.93
CA ALA A 491 10.51 12.36 14.89
C ALA A 491 9.00 12.24 14.64
N GLN A 492 8.56 11.08 14.15
CA GLN A 492 7.13 10.89 13.87
C GLN A 492 6.27 10.69 15.11
N ALA A 493 6.87 10.26 16.21
CA ALA A 493 6.12 10.00 17.44
C ALA A 493 5.06 11.06 17.78
N PRO A 494 5.47 12.33 17.99
CA PRO A 494 4.47 13.35 18.32
C PRO A 494 3.38 13.52 17.28
N TYR A 495 3.70 13.29 16.00
CA TYR A 495 2.71 13.41 14.96
C TYR A 495 1.69 12.30 15.10
N TRP A 496 2.18 11.07 15.26
CA TRP A 496 1.30 9.93 15.41
C TRP A 496 0.45 10.06 16.65
N GLU A 497 1.07 10.48 17.75
CA GLU A 497 0.34 10.65 19.00
C GLU A 497 -0.76 11.67 18.80
N ALA A 498 -0.44 12.78 18.14
CA ALA A 498 -1.41 13.83 17.88
C ALA A 498 -2.52 13.34 16.96
N ALA A 499 -2.17 12.46 16.03
CA ALA A 499 -3.15 11.94 15.09
C ALA A 499 -3.95 10.77 15.67
N GLY A 500 -3.53 10.27 16.83
CA GLY A 500 -4.23 9.15 17.43
C GLY A 500 -3.89 7.84 16.72
N ILE A 501 -2.67 7.78 16.19
CA ILE A 501 -2.22 6.58 15.49
C ILE A 501 -1.35 5.78 16.44
N ASP A 502 -1.88 4.67 16.94
CA ASP A 502 -1.10 3.86 17.85
C ASP A 502 0.03 3.21 17.06
N PHE A 503 1.15 3.01 17.72
CA PHE A 503 2.29 2.39 17.06
C PHE A 503 3.19 1.73 18.08
N TYR A 504 3.99 0.78 17.62
CA TYR A 504 4.91 0.04 18.47
C TYR A 504 6.14 0.90 18.78
N ARG A 505 6.34 1.20 20.06
CA ARG A 505 7.48 2.02 20.46
C ARG A 505 8.74 1.16 20.55
N SER A 506 9.27 0.79 19.38
CA SER A 506 10.47 -0.04 19.31
C SER A 506 11.61 0.56 20.11
N PRO A 507 12.32 -0.29 20.88
CA PRO A 507 13.44 0.20 21.67
C PRO A 507 14.62 0.56 20.77
N GLN A 508 14.53 0.17 19.50
CA GLN A 508 15.60 0.45 18.53
C GLN A 508 15.50 1.88 17.99
N VAL A 509 14.41 2.56 18.32
CA VAL A 509 14.18 3.92 17.83
C VAL A 509 14.20 4.94 18.98
N PRO A 510 15.02 5.99 18.84
CA PRO A 510 15.16 7.07 19.83
C PRO A 510 13.98 8.03 19.79
N TRP A 511 12.79 7.51 20.04
CA TRP A 511 11.54 8.28 20.01
C TRP A 511 11.58 9.68 20.58
N THR A 512 11.01 10.61 19.82
CA THR A 512 10.91 12.01 20.20
C THR A 512 9.65 12.18 21.04
CL CL B . -7.70 -24.95 11.38
CL CL C . -3.97 9.24 8.68
CL CL D . -0.70 -23.21 8.41
S SO4 E . 18.13 0.85 -9.00
O1 SO4 E . 17.78 -0.33 -9.82
O2 SO4 E . 19.02 0.45 -7.90
O3 SO4 E . 18.81 1.84 -9.85
O4 SO4 E . 16.89 1.44 -8.44
C1 NGT F . 1.57 -16.21 3.69
C2 NGT F . 0.23 -16.69 3.06
C3 NGT F . -1.00 -15.89 3.63
C4 NGT F . -0.90 -15.66 5.15
C5 NGT F . 0.45 -15.00 5.51
C6 NGT F . 0.64 -14.76 7.00
C7 NGT F . 1.13 -15.56 1.28
C8 NGT F . 1.39 -15.08 -0.12
N2 NGT F . 0.32 -16.46 1.61
S1 NGT F . 2.05 -14.79 2.58
O3 NGT F . -2.20 -16.56 3.30
O4 NGT F . -1.97 -14.83 5.56
O5 NGT F . 1.57 -15.85 5.05
O6 NGT F . 1.82 -14.01 7.25
C1 GOL G . 3.73 -20.96 6.87
O1 GOL G . 2.46 -21.26 7.39
C2 GOL G . 3.62 -20.42 5.47
O2 GOL G . 4.92 -20.37 4.85
C3 GOL G . 2.95 -19.03 5.51
O3 GOL G . 1.53 -19.13 5.55
C1 GOL H . 7.57 -18.71 0.46
O1 GOL H . 7.28 -19.45 -0.71
C2 GOL H . 8.34 -19.55 1.48
O2 GOL H . 7.95 -20.93 1.43
C3 GOL H . 8.17 -18.95 2.89
O3 GOL H . 7.85 -19.92 3.86
#